data_8Z3O
#
_entry.id   8Z3O
#
_cell.length_a   1.00
_cell.length_b   1.00
_cell.length_c   1.00
_cell.angle_alpha   90.00
_cell.angle_beta   90.00
_cell.angle_gamma   90.00
#
_symmetry.space_group_name_H-M   'P 1'
#
_entity_poly.entity_id   1
_entity_poly.type   'polypeptide(L)'
_entity_poly.pdbx_seq_one_letter_code
;MGNITADNSSMSCTIDHTIHQTLAPVVYVTVLVVGFPANCLSLYFGYLQIKARNELGVYLCNLTVADLFYICSLPFWLQY
VLQHDNWSHGDLSCQVCGILLYENIYISVGFLCCISVDRYLAVAHPFRFHQFRTLKAAVGVSVVIWAKELLTSIYFLMHE
EVIEDENQHRVCFEHYPIQAWQRAINYYRFLVGFLFPICLLLASYQGILRAVRRSHGTQKSRKDQIQRLVLSTVVIFLAC
FLPYHVLLLVRSVWEASCDFAKGVFNAYHFSLLLTSFNCVADPVLYCFVSETTHRDLARLRGACLAFLTCSRTGRAREA
;
_entity_poly.pdbx_strand_id   R
#
# COMPACT_ATOMS: atom_id res chain seq x y z
N SER A 12 11.53 13.22 -25.75
CA SER A 12 10.96 14.03 -26.82
C SER A 12 9.54 13.57 -27.15
N CYS A 13 8.78 13.16 -26.14
CA CYS A 13 7.41 12.74 -26.38
C CYS A 13 6.44 13.43 -25.42
N THR A 14 6.18 14.72 -25.64
CA THR A 14 5.22 15.43 -24.80
C THR A 14 4.06 14.54 -24.83
N ILE A 15 3.75 13.95 -23.70
CA ILE A 15 2.49 13.32 -23.61
C ILE A 15 1.46 14.24 -23.01
N ASP A 16 0.24 14.13 -23.50
CA ASP A 16 -0.82 14.94 -22.97
C ASP A 16 -1.24 14.35 -21.65
N HIS A 17 -1.85 15.13 -20.79
CA HIS A 17 -2.24 14.63 -19.53
C HIS A 17 -3.43 15.39 -19.15
N THR A 18 -4.45 15.34 -19.97
CA THR A 18 -5.65 16.03 -19.59
C THR A 18 -6.22 15.37 -18.34
N ILE A 19 -6.25 14.04 -18.32
CA ILE A 19 -6.84 13.33 -17.19
C ILE A 19 -6.06 13.55 -15.94
N HIS A 20 -4.76 13.60 -16.06
CA HIS A 20 -3.90 13.82 -14.91
C HIS A 20 -4.26 15.10 -14.16
N GLN A 21 -4.86 16.07 -14.85
CA GLN A 21 -5.19 17.36 -14.25
C GLN A 21 -6.67 17.50 -13.91
N THR A 22 -7.47 16.45 -14.07
CA THR A 22 -8.91 16.54 -13.88
C THR A 22 -9.40 15.74 -12.68
N LEU A 23 -9.12 14.44 -12.64
CA LEU A 23 -9.59 13.60 -11.55
C LEU A 23 -8.64 13.56 -10.37
N ALA A 24 -7.38 13.94 -10.58
CA ALA A 24 -6.40 13.86 -9.50
C ALA A 24 -6.72 14.73 -8.30
N PRO A 25 -7.05 16.04 -8.44
CA PRO A 25 -7.24 16.85 -7.23
C PRO A 25 -8.36 16.38 -6.34
N VAL A 26 -9.48 15.94 -6.92
CA VAL A 26 -10.61 15.50 -6.10
C VAL A 26 -10.20 14.29 -5.27
N VAL A 27 -9.55 13.33 -5.90
CA VAL A 27 -9.13 12.13 -5.19
C VAL A 27 -8.13 12.47 -4.11
N TYR A 28 -7.15 13.33 -4.41
CA TYR A 28 -6.12 13.65 -3.43
C TYR A 28 -6.73 14.35 -2.22
N VAL A 29 -7.60 15.33 -2.45
CA VAL A 29 -8.17 16.07 -1.32
C VAL A 29 -9.09 15.18 -0.51
N THR A 30 -9.89 14.34 -1.17
CA THR A 30 -10.77 13.43 -0.43
C THR A 30 -9.95 12.46 0.39
N VAL A 31 -8.87 11.92 -0.17
CA VAL A 31 -8.05 10.97 0.56
C VAL A 31 -7.45 11.64 1.78
N LEU A 32 -6.91 12.85 1.62
CA LEU A 32 -6.29 13.54 2.75
C LEU A 32 -7.31 13.78 3.86
N VAL A 33 -8.47 14.35 3.51
CA VAL A 33 -9.47 14.74 4.50
C VAL A 33 -10.01 13.51 5.23
N VAL A 34 -10.35 12.46 4.48
CA VAL A 34 -10.93 11.28 5.11
C VAL A 34 -9.87 10.52 5.91
N GLY A 35 -8.63 10.49 5.43
CA GLY A 35 -7.65 9.57 5.98
C GLY A 35 -6.70 10.09 7.03
N PHE A 36 -6.64 11.41 7.27
CA PHE A 36 -5.82 11.85 8.40
C PHE A 36 -6.46 11.50 9.75
N PRO A 37 -7.67 11.98 10.07
CA PRO A 37 -8.23 11.64 11.39
C PRO A 37 -8.46 10.14 11.57
N ALA A 38 -8.84 9.45 10.50
CA ALA A 38 -9.05 8.01 10.60
C ALA A 38 -7.77 7.31 11.06
N ASN A 39 -6.64 7.67 10.46
CA ASN A 39 -5.39 7.05 10.84
C ASN A 39 -4.93 7.46 12.22
N CYS A 40 -5.21 8.70 12.64
CA CYS A 40 -4.86 9.09 14.01
C CYS A 40 -5.64 8.26 15.03
N LEU A 41 -6.95 8.09 14.79
CA LEU A 41 -7.74 7.26 15.70
C LEU A 41 -7.27 5.80 15.68
N SER A 42 -6.89 5.30 14.50
CA SER A 42 -6.36 3.94 14.45
C SER A 42 -5.07 3.82 15.25
N LEU A 43 -4.24 4.86 15.23
CA LEU A 43 -3.02 4.84 16.04
C LEU A 43 -3.36 4.78 17.52
N TYR A 44 -4.37 5.54 17.94
CA TYR A 44 -4.77 5.47 19.35
C TYR A 44 -5.24 4.07 19.71
N PHE A 45 -6.03 3.45 18.83
CA PHE A 45 -6.48 2.08 19.09
C PHE A 45 -5.31 1.11 19.16
N GLY A 46 -4.31 1.30 18.31
CA GLY A 46 -3.13 0.46 18.35
C GLY A 46 -2.36 0.62 19.66
N TYR A 47 -2.27 1.84 20.17
CA TYR A 47 -1.72 2.05 21.50
C TYR A 47 -2.50 1.26 22.54
N LEU A 48 -3.83 1.37 22.49
CA LEU A 48 -4.65 0.67 23.47
C LEU A 48 -4.40 -0.83 23.42
N GLN A 49 -4.23 -1.38 22.22
CA GLN A 49 -3.99 -2.81 22.09
C GLN A 49 -2.60 -3.19 22.59
N ILE A 50 -1.57 -2.43 22.18
CA ILE A 50 -0.20 -2.80 22.54
C ILE A 50 0.01 -2.68 24.04
N LYS A 51 -0.75 -1.82 24.72
CA LYS A 51 -0.63 -1.73 26.16
C LYS A 51 -0.98 -3.04 26.84
N ALA A 52 -2.06 -3.68 26.39
CA ALA A 52 -2.56 -4.89 27.06
C ALA A 52 -2.02 -6.16 26.43
N ARG A 53 -0.71 -6.23 26.25
CA ARG A 53 0.02 -7.44 25.88
C ARG A 53 -0.66 -8.20 24.74
N ASN A 54 -0.74 -7.55 23.59
CA ASN A 54 -1.28 -8.16 22.38
C ASN A 54 -0.25 -8.01 21.27
N GLU A 55 -0.03 -9.08 20.52
CA GLU A 55 1.04 -9.07 19.52
C GLU A 55 0.64 -8.27 18.28
N LEU A 56 -0.64 -8.20 17.95
CA LEU A 56 -1.05 -7.44 16.78
C LEU A 56 -0.77 -5.94 16.92
N GLY A 57 -0.73 -5.43 18.15
CA GLY A 57 -0.61 -4.00 18.33
C GLY A 57 0.61 -3.42 17.62
N VAL A 58 1.71 -4.16 17.63
CA VAL A 58 2.91 -3.70 16.93
C VAL A 58 2.62 -3.55 15.43
N TYR A 59 1.96 -4.54 14.85
CA TYR A 59 1.68 -4.51 13.41
C TYR A 59 0.71 -3.39 13.07
N LEU A 60 -0.36 -3.24 13.86
CA LEU A 60 -1.30 -2.15 13.61
C LEU A 60 -0.63 -0.78 13.72
N CYS A 61 0.20 -0.59 14.74
CA CYS A 61 0.86 0.70 14.90
C CYS A 61 1.80 0.99 13.75
N ASN A 62 2.57 -0.02 13.33
CA ASN A 62 3.50 0.20 12.22
C ASN A 62 2.76 0.48 10.91
N LEU A 63 1.66 -0.25 10.67
CA LEU A 63 0.88 -0.02 9.46
C LEU A 63 0.29 1.38 9.46
N THR A 64 -0.21 1.84 10.60
CA THR A 64 -0.76 3.18 10.68
C THR A 64 0.32 4.24 10.47
N VAL A 65 1.52 4.01 10.99
CA VAL A 65 2.61 4.95 10.78
C VAL A 65 2.98 5.02 9.30
N ALA A 66 3.03 3.86 8.64
CA ALA A 66 3.32 3.86 7.20
C ALA A 66 2.25 4.60 6.42
N ASP A 67 0.98 4.41 6.79
CA ASP A 67 -0.11 5.13 6.13
C ASP A 67 0.03 6.63 6.34
N LEU A 68 0.36 7.07 7.55
CA LEU A 68 0.57 8.50 7.78
C LEU A 68 1.73 9.04 6.95
N PHE A 69 2.80 8.26 6.83
CA PHE A 69 3.93 8.71 6.03
C PHE A 69 3.51 8.87 4.57
N TYR A 70 2.70 7.95 4.06
CA TYR A 70 2.17 8.10 2.71
C TYR A 70 1.30 9.35 2.61
N ILE A 71 0.42 9.55 3.59
CA ILE A 71 -0.56 10.65 3.52
C ILE A 71 0.14 11.99 3.54
N CYS A 72 1.17 12.13 4.37
CA CYS A 72 1.87 13.40 4.49
C CYS A 72 2.52 13.83 3.18
N SER A 73 2.70 12.91 2.24
CA SER A 73 3.34 13.26 0.98
C SER A 73 2.38 13.81 -0.06
N LEU A 74 1.07 13.57 0.11
CA LEU A 74 0.12 14.06 -0.88
C LEU A 74 0.11 15.57 -1.06
N PRO A 75 0.21 16.41 -0.01
CA PRO A 75 0.15 17.86 -0.24
C PRO A 75 1.16 18.37 -1.26
N PHE A 76 2.38 17.84 -1.27
CA PHE A 76 3.33 18.24 -2.30
C PHE A 76 2.87 17.78 -3.68
N TRP A 77 2.38 16.54 -3.77
CA TRP A 77 1.80 16.08 -5.04
C TRP A 77 0.56 16.89 -5.38
N LEU A 78 -0.23 17.26 -4.38
CA LEU A 78 -1.41 18.07 -4.65
C LEU A 78 -1.03 19.41 -5.27
N GLN A 79 0.02 20.04 -4.75
CA GLN A 79 0.48 21.29 -5.34
C GLN A 79 1.09 21.06 -6.72
N TYR A 80 1.69 19.89 -6.94
CA TYR A 80 2.19 19.56 -8.26
C TYR A 80 1.05 19.43 -9.26
N VAL A 81 -0.07 18.85 -8.84
CA VAL A 81 -1.21 18.66 -9.73
C VAL A 81 -1.94 19.98 -9.97
N LEU A 82 -2.09 20.77 -8.92
CA LEU A 82 -2.75 22.05 -9.06
C LEU A 82 -2.04 22.84 -10.13
N GLN A 83 -0.72 22.91 -10.05
CA GLN A 83 0.06 23.64 -11.05
C GLN A 83 0.12 22.88 -12.34
N HIS A 84 0.20 23.59 -13.45
CA HIS A 84 0.30 22.94 -14.76
C HIS A 84 1.70 22.41 -14.98
N ASP A 85 1.85 21.10 -14.90
CA ASP A 85 3.14 20.43 -15.11
C ASP A 85 4.34 20.96 -14.38
N ASN A 86 4.16 21.58 -13.23
CA ASN A 86 5.34 22.18 -12.63
C ASN A 86 5.57 21.65 -11.22
N TRP A 87 6.84 21.54 -10.85
CA TRP A 87 7.25 21.04 -9.53
C TRP A 87 8.23 22.05 -8.95
N SER A 88 7.70 22.96 -8.10
CA SER A 88 8.46 24.13 -7.70
C SER A 88 9.45 23.90 -6.57
N HIS A 89 9.08 23.08 -5.58
CA HIS A 89 9.89 22.96 -4.37
C HIS A 89 11.14 22.22 -4.80
N GLY A 90 12.24 22.94 -4.96
CA GLY A 90 13.58 22.40 -4.87
C GLY A 90 13.93 21.45 -5.99
N ASP A 91 15.17 20.95 -5.91
CA ASP A 91 15.66 19.87 -6.75
C ASP A 91 15.73 18.55 -6.00
N LEU A 92 15.35 18.55 -4.73
CA LEU A 92 15.17 17.36 -3.92
C LEU A 92 13.70 17.31 -3.52
N SER A 93 13.38 16.39 -2.61
CA SER A 93 12.03 16.09 -2.16
C SER A 93 11.18 15.52 -3.29
N CYS A 94 11.67 15.53 -4.52
CA CYS A 94 11.09 14.74 -5.59
C CYS A 94 11.65 13.33 -5.60
N GLN A 95 12.87 13.18 -5.10
CA GLN A 95 13.47 11.88 -4.81
C GLN A 95 13.11 11.39 -3.43
N VAL A 96 12.28 12.13 -2.69
CA VAL A 96 11.75 11.69 -1.41
C VAL A 96 10.25 11.40 -1.52
N CYS A 97 9.46 12.41 -1.87
CA CYS A 97 8.03 12.19 -2.10
C CYS A 97 7.81 11.13 -3.17
N GLY A 98 8.73 11.02 -4.13
CA GLY A 98 8.67 9.93 -5.08
C GLY A 98 8.73 8.57 -4.41
N ILE A 99 9.66 8.42 -3.45
CA ILE A 99 9.73 7.17 -2.70
C ILE A 99 8.44 6.93 -1.94
N LEU A 100 7.99 7.92 -1.17
CA LEU A 100 6.79 7.70 -0.37
C LEU A 100 5.54 7.50 -1.21
N LEU A 101 5.56 7.88 -2.48
CA LEU A 101 4.39 7.61 -3.31
C LEU A 101 4.48 6.30 -4.07
N TYR A 102 5.66 5.90 -4.50
CA TYR A 102 5.76 4.75 -5.39
C TYR A 102 6.22 3.48 -4.69
N GLU A 103 7.09 3.56 -3.68
CA GLU A 103 7.65 2.37 -3.05
C GLU A 103 7.33 2.27 -1.56
N ASN A 104 6.49 3.16 -1.03
CA ASN A 104 6.01 3.06 0.34
C ASN A 104 4.71 2.31 0.45
N ILE A 105 4.15 1.85 -0.67
CA ILE A 105 2.92 1.07 -0.63
C ILE A 105 3.18 -0.40 -0.35
N TYR A 106 4.44 -0.79 -0.18
CA TYR A 106 4.79 -2.18 0.07
C TYR A 106 5.07 -2.49 1.53
N ILE A 107 5.41 -1.49 2.34
CA ILE A 107 5.44 -1.70 3.78
C ILE A 107 4.05 -2.10 4.26
N SER A 108 3.02 -1.47 3.68
CA SER A 108 1.65 -1.79 4.04
C SER A 108 1.32 -3.24 3.71
N VAL A 109 1.70 -3.71 2.52
CA VAL A 109 1.38 -5.09 2.17
C VAL A 109 2.18 -6.06 3.02
N GLY A 110 3.42 -5.71 3.35
CA GLY A 110 4.19 -6.56 4.26
C GLY A 110 3.51 -6.72 5.60
N PHE A 111 2.99 -5.63 6.15
CA PHE A 111 2.33 -5.74 7.45
C PHE A 111 0.97 -6.43 7.34
N LEU A 112 0.29 -6.31 6.20
CA LEU A 112 -0.90 -7.11 5.98
C LEU A 112 -0.59 -8.60 6.01
N CYS A 113 0.49 -9.01 5.34
CA CYS A 113 0.87 -10.42 5.36
C CYS A 113 1.26 -10.86 6.77
N CYS A 114 1.93 -10.00 7.53
CA CYS A 114 2.25 -10.35 8.91
C CYS A 114 0.98 -10.59 9.72
N ILE A 115 -0.03 -9.73 9.57
CA ILE A 115 -1.27 -9.91 10.29
C ILE A 115 -1.95 -11.22 9.88
N SER A 116 -1.92 -11.53 8.58
CA SER A 116 -2.55 -12.76 8.11
C SER A 116 -1.88 -13.99 8.73
N VAL A 117 -0.55 -14.03 8.74
CA VAL A 117 0.15 -15.18 9.31
C VAL A 117 -0.09 -15.27 10.82
N ASP A 118 -0.10 -14.13 11.51
CA ASP A 118 -0.39 -14.16 12.94
C ASP A 118 -1.79 -14.74 13.20
N ARG A 119 -2.78 -14.31 12.43
CA ARG A 119 -4.13 -14.84 12.59
C ARG A 119 -4.16 -16.34 12.32
N TYR A 120 -3.48 -16.78 11.26
CA TYR A 120 -3.50 -18.20 10.92
C TYR A 120 -2.88 -19.05 12.02
N LEU A 121 -1.75 -18.62 12.57
CA LEU A 121 -1.14 -19.36 13.67
C LEU A 121 -1.90 -19.22 14.97
N ALA A 122 -2.76 -18.21 15.09
CA ALA A 122 -3.57 -18.08 16.29
C ALA A 122 -4.87 -18.89 16.26
N VAL A 123 -5.45 -19.13 15.08
CA VAL A 123 -6.75 -19.78 15.00
C VAL A 123 -6.69 -21.19 14.44
N ALA A 124 -5.59 -21.59 13.81
CA ALA A 124 -5.49 -22.93 13.24
C ALA A 124 -4.55 -23.84 14.03
N HIS A 125 -3.56 -23.30 14.72
CA HIS A 125 -2.68 -24.06 15.60
C HIS A 125 -2.57 -23.34 16.94
N PRO A 126 -3.63 -23.42 17.76
CA PRO A 126 -3.63 -22.63 19.00
C PRO A 126 -2.76 -23.20 20.10
N PHE A 127 -2.40 -24.48 20.05
CA PHE A 127 -1.62 -25.11 21.10
C PHE A 127 -0.12 -25.09 20.83
N ARG A 128 0.31 -24.59 19.68
CA ARG A 128 1.72 -24.65 19.30
C ARG A 128 2.18 -23.28 18.83
N PHE A 129 3.50 -23.16 18.69
CA PHE A 129 4.14 -21.90 18.28
C PHE A 129 3.80 -20.75 19.22
N HIS A 130 4.08 -20.96 20.51
CA HIS A 130 3.89 -19.90 21.49
C HIS A 130 4.98 -18.85 21.44
N GLN A 131 6.18 -19.22 21.04
CA GLN A 131 7.31 -18.30 21.02
C GLN A 131 7.33 -17.40 19.78
N PHE A 132 6.53 -17.69 18.77
CA PHE A 132 6.46 -16.86 17.58
C PHE A 132 5.39 -15.79 17.67
N ARG A 133 4.61 -15.78 18.75
CA ARG A 133 3.55 -14.80 18.91
C ARG A 133 3.78 -13.95 20.16
N THR A 134 5.01 -13.49 20.36
CA THR A 134 5.36 -12.62 21.45
C THR A 134 5.74 -11.23 20.92
N LEU A 135 5.90 -10.29 21.85
CA LEU A 135 6.17 -8.91 21.46
C LEU A 135 7.55 -8.77 20.84
N LYS A 136 8.54 -9.51 21.35
CA LYS A 136 9.90 -9.38 20.84
C LYS A 136 10.00 -9.83 19.39
N ALA A 137 9.32 -10.92 19.04
CA ALA A 137 9.31 -11.37 17.65
C ALA A 137 8.67 -10.33 16.74
N ALA A 138 7.60 -9.70 17.21
CA ALA A 138 6.96 -8.65 16.43
C ALA A 138 7.90 -7.47 16.22
N VAL A 139 8.63 -7.07 17.26
CA VAL A 139 9.56 -5.96 17.10
C VAL A 139 10.66 -6.34 16.12
N GLY A 140 11.14 -7.57 16.18
CA GLY A 140 12.19 -7.99 15.27
C GLY A 140 11.74 -7.96 13.82
N VAL A 141 10.56 -8.51 13.54
CA VAL A 141 10.09 -8.53 12.15
C VAL A 141 9.77 -7.12 11.67
N SER A 142 9.24 -6.28 12.56
CA SER A 142 8.98 -4.89 12.19
C SER A 142 10.27 -4.18 11.82
N VAL A 143 11.34 -4.41 12.60
CA VAL A 143 12.61 -3.77 12.29
C VAL A 143 13.16 -4.29 10.97
N VAL A 144 12.96 -5.57 10.67
CA VAL A 144 13.44 -6.10 9.39
C VAL A 144 12.70 -5.44 8.22
N ILE A 145 11.37 -5.30 8.33
CA ILE A 145 10.61 -4.66 7.26
C ILE A 145 11.06 -3.22 7.07
N TRP A 146 11.24 -2.49 8.17
CA TRP A 146 11.67 -1.10 8.03
C TRP A 146 13.10 -1.01 7.52
N ALA A 147 13.94 -2.00 7.79
CA ALA A 147 15.28 -2.00 7.22
C ALA A 147 15.24 -2.23 5.72
N LYS A 148 14.30 -3.06 5.26
CA LYS A 148 14.08 -3.19 3.82
C LYS A 148 13.66 -1.85 3.22
N GLU A 149 12.78 -1.14 3.93
CA GLU A 149 12.40 0.20 3.51
C GLU A 149 13.62 1.11 3.40
N LEU A 150 14.49 1.07 4.40
CA LEU A 150 15.66 1.95 4.41
C LEU A 150 16.66 1.60 3.32
N LEU A 151 16.81 0.31 3.00
CA LEU A 151 17.72 -0.07 1.92
C LEU A 151 17.16 0.33 0.56
N THR A 152 15.86 0.10 0.33
CA THR A 152 15.28 0.61 -0.90
C THR A 152 15.35 2.13 -0.97
N SER A 153 15.30 2.81 0.18
CA SER A 153 15.38 4.26 0.21
C SER A 153 16.79 4.77 -0.01
N ILE A 154 17.81 4.01 0.38
CA ILE A 154 19.17 4.40 0.00
C ILE A 154 19.40 4.07 -1.47
N TYR A 155 18.58 3.17 -2.02
CA TYR A 155 18.41 3.11 -3.46
C TYR A 155 17.49 4.25 -3.90
N PHE A 156 17.27 4.38 -5.21
CA PHE A 156 16.50 5.45 -5.83
C PHE A 156 17.14 6.83 -5.72
N LEU A 157 18.33 6.93 -5.14
CA LEU A 157 19.02 8.20 -5.04
C LEU A 157 20.32 8.26 -5.83
N MET A 158 20.83 7.14 -6.33
CA MET A 158 21.99 7.21 -7.21
C MET A 158 21.64 7.69 -8.61
N HIS A 159 20.35 7.86 -8.90
CA HIS A 159 19.90 8.24 -10.24
C HIS A 159 19.24 9.62 -10.18
N GLU A 160 19.75 10.54 -10.99
CA GLU A 160 19.24 11.90 -11.04
C GLU A 160 18.01 11.92 -11.93
N GLU A 161 16.83 12.10 -11.32
CA GLU A 161 15.56 11.94 -12.01
C GLU A 161 14.71 13.21 -11.94
N VAL A 162 15.03 14.17 -12.79
CA VAL A 162 14.21 15.34 -13.10
C VAL A 162 14.56 15.76 -14.52
N ILE A 163 13.54 15.91 -15.36
CA ILE A 163 13.75 16.31 -16.74
C ILE A 163 12.82 17.47 -17.07
N GLU A 164 13.21 18.27 -18.06
CA GLU A 164 12.43 19.41 -18.49
C GLU A 164 11.59 19.05 -19.71
N ASP A 165 10.45 19.70 -19.83
CA ASP A 165 9.50 19.51 -20.90
C ASP A 165 9.74 20.54 -21.99
N GLU A 166 9.24 20.25 -23.21
CA GLU A 166 9.35 21.20 -24.31
C GLU A 166 8.81 22.56 -23.91
N ASN A 167 7.62 22.58 -23.32
CA ASN A 167 7.16 23.75 -22.57
C ASN A 167 7.71 23.61 -21.15
N GLN A 168 8.61 24.52 -20.77
CA GLN A 168 9.38 24.34 -19.54
C GLN A 168 8.51 24.04 -18.33
N HIS A 169 8.67 22.82 -17.84
CA HIS A 169 8.01 22.30 -16.66
C HIS A 169 8.98 21.35 -15.95
N ARG A 170 8.54 20.73 -14.87
CA ARG A 170 9.39 19.80 -14.12
C ARG A 170 8.56 18.58 -13.75
N VAL A 171 8.79 17.48 -14.45
CA VAL A 171 8.14 16.21 -14.13
C VAL A 171 8.88 15.59 -12.95
N CYS A 172 8.16 14.82 -12.13
CA CYS A 172 8.71 14.47 -10.83
C CYS A 172 9.46 13.14 -10.84
N PHE A 173 8.76 12.03 -11.09
CA PHE A 173 9.34 10.72 -10.85
C PHE A 173 8.92 9.77 -11.98
N GLU A 174 8.91 10.26 -13.22
CA GLU A 174 8.44 9.46 -14.34
C GLU A 174 9.19 9.84 -15.60
N HIS A 175 9.45 8.83 -16.36
CA HIS A 175 10.18 8.91 -17.58
C HIS A 175 9.30 8.07 -18.40
N TYR A 176 8.89 8.65 -19.53
CA TYR A 176 7.98 7.97 -20.44
C TYR A 176 8.63 6.87 -21.27
N PRO A 177 9.54 7.20 -22.19
CA PRO A 177 10.10 6.01 -22.86
C PRO A 177 10.78 5.26 -21.74
N ILE A 178 10.18 4.18 -21.21
CA ILE A 178 10.84 3.61 -20.04
C ILE A 178 12.33 3.34 -20.19
N GLN A 179 13.10 3.72 -19.18
CA GLN A 179 14.55 3.57 -19.18
C GLN A 179 14.92 2.10 -18.99
N ALA A 180 16.14 1.76 -19.41
CA ALA A 180 16.59 0.38 -19.31
C ALA A 180 16.66 -0.07 -17.85
N TRP A 181 17.14 0.80 -16.97
CA TRP A 181 17.32 0.43 -15.58
C TRP A 181 16.01 0.26 -14.82
N GLN A 182 14.89 0.69 -15.38
CA GLN A 182 13.63 0.60 -14.67
C GLN A 182 12.84 -0.66 -15.00
N ARG A 183 13.16 -1.32 -16.12
CA ARG A 183 12.45 -2.53 -16.49
C ARG A 183 12.68 -3.66 -15.49
N ALA A 184 13.93 -3.83 -15.06
CA ALA A 184 14.23 -4.85 -14.08
C ALA A 184 13.56 -4.57 -12.76
N ILE A 185 13.52 -3.29 -12.36
CA ILE A 185 12.84 -2.91 -11.14
C ILE A 185 11.36 -3.23 -11.25
N ASN A 186 10.76 -2.96 -12.40
CA ASN A 186 9.35 -3.26 -12.59
C ASN A 186 9.08 -4.76 -12.48
N TYR A 187 9.91 -5.58 -13.10
CA TYR A 187 9.70 -7.03 -13.05
C TYR A 187 9.83 -7.55 -11.62
N TYR A 188 10.93 -7.21 -10.96
CA TYR A 188 11.15 -7.68 -9.60
C TYR A 188 10.07 -7.17 -8.67
N ARG A 189 9.62 -5.94 -8.89
CA ARG A 189 8.55 -5.37 -8.09
C ARG A 189 7.27 -6.18 -8.26
N PHE A 190 6.89 -6.45 -9.50
CA PHE A 190 5.68 -7.23 -9.74
C PHE A 190 5.76 -8.58 -9.02
N LEU A 191 6.83 -9.34 -9.28
CA LEU A 191 6.93 -10.66 -8.66
C LEU A 191 6.87 -10.57 -7.14
N VAL A 192 7.86 -9.91 -6.54
CA VAL A 192 8.00 -9.94 -5.08
C VAL A 192 6.78 -9.33 -4.40
N GLY A 193 6.29 -8.19 -4.90
CA GLY A 193 5.21 -7.50 -4.23
C GLY A 193 3.80 -7.90 -4.58
N PHE A 194 3.57 -8.71 -5.62
CA PHE A 194 2.21 -9.11 -5.91
C PHE A 194 2.06 -10.58 -6.34
N LEU A 195 3.03 -11.43 -6.07
CA LEU A 195 2.77 -12.84 -6.32
C LEU A 195 3.05 -13.62 -5.05
N PHE A 196 3.98 -13.13 -4.24
CA PHE A 196 4.26 -13.70 -2.94
C PHE A 196 3.21 -13.27 -1.91
N PRO A 197 2.95 -11.96 -1.74
CA PRO A 197 1.96 -11.55 -0.73
C PRO A 197 0.57 -12.08 -0.99
N ILE A 198 0.14 -12.15 -2.26
CA ILE A 198 -1.22 -12.61 -2.54
C ILE A 198 -1.34 -14.11 -2.26
N CYS A 199 -0.31 -14.89 -2.63
CA CYS A 199 -0.33 -16.31 -2.32
C CYS A 199 -0.33 -16.53 -0.81
N LEU A 200 0.46 -15.75 -0.08
CA LEU A 200 0.47 -15.89 1.37
C LEU A 200 -0.89 -15.54 1.97
N LEU A 201 -1.51 -14.46 1.51
CA LEU A 201 -2.81 -14.06 2.02
C LEU A 201 -3.86 -15.13 1.76
N LEU A 202 -3.91 -15.64 0.52
CA LEU A 202 -4.90 -16.65 0.19
C LEU A 202 -4.67 -17.94 0.97
N ALA A 203 -3.42 -18.39 1.08
CA ALA A 203 -3.12 -19.63 1.77
C ALA A 203 -3.29 -19.52 3.27
N SER A 204 -3.29 -18.31 3.82
CA SER A 204 -3.62 -18.17 5.23
C SER A 204 -5.12 -18.07 5.48
N TYR A 205 -5.83 -17.35 4.61
CA TYR A 205 -7.24 -17.13 4.85
C TYR A 205 -8.07 -18.36 4.52
N GLN A 206 -7.63 -19.17 3.56
CA GLN A 206 -8.30 -20.46 3.35
C GLN A 206 -8.18 -21.34 4.59
N GLY A 207 -7.00 -21.36 5.20
CA GLY A 207 -6.82 -22.13 6.42
C GLY A 207 -7.71 -21.62 7.54
N ILE A 208 -7.80 -20.30 7.71
CA ILE A 208 -8.65 -19.75 8.76
C ILE A 208 -10.11 -20.12 8.52
N LEU A 209 -10.57 -20.03 7.27
CA LEU A 209 -11.96 -20.36 6.97
C LEU A 209 -12.25 -21.84 7.21
N ARG A 210 -11.33 -22.72 6.83
CA ARG A 210 -11.52 -24.14 7.09
C ARG A 210 -11.60 -24.42 8.59
N ALA A 211 -10.70 -23.80 9.36
CA ALA A 211 -10.70 -24.00 10.81
C ALA A 211 -11.99 -23.50 11.44
N VAL A 212 -12.50 -22.37 10.97
CA VAL A 212 -13.72 -21.84 11.58
C VAL A 212 -14.95 -22.61 11.14
N ARG A 213 -14.94 -23.21 9.94
CA ARG A 213 -16.09 -24.00 9.54
C ARG A 213 -16.07 -25.41 10.14
N ARG A 214 -14.94 -25.87 10.63
CA ARG A 214 -14.89 -27.16 11.33
C ARG A 214 -15.18 -27.03 12.81
N SER A 215 -15.45 -25.83 13.32
CA SER A 215 -15.64 -25.59 14.73
C SER A 215 -17.02 -26.05 15.19
N HIS A 216 -17.25 -25.96 16.49
CA HIS A 216 -18.50 -26.39 17.10
C HIS A 216 -19.20 -25.30 17.89
N GLY A 217 -18.46 -24.50 18.65
CA GLY A 217 -19.09 -23.55 19.56
C GLY A 217 -19.55 -22.26 18.94
N THR A 218 -19.16 -21.98 17.69
CA THR A 218 -19.58 -20.77 17.01
C THR A 218 -20.96 -21.01 16.38
N GLN A 219 -21.88 -20.09 16.64
CA GLN A 219 -23.21 -20.22 16.09
C GLN A 219 -23.17 -20.10 14.57
N LYS A 220 -24.28 -20.49 13.94
CA LYS A 220 -24.38 -20.41 12.49
C LYS A 220 -24.13 -18.99 11.98
N SER A 221 -24.57 -18.00 12.75
CA SER A 221 -24.52 -16.62 12.27
C SER A 221 -23.09 -16.12 12.12
N ARG A 222 -22.24 -16.38 13.12
CA ARG A 222 -20.94 -15.72 13.15
C ARG A 222 -19.98 -16.28 12.11
N LYS A 223 -20.14 -17.54 11.72
CA LYS A 223 -19.27 -18.06 10.65
C LYS A 223 -19.56 -17.37 9.33
N ASP A 224 -20.83 -17.05 9.06
CA ASP A 224 -21.14 -16.26 7.89
C ASP A 224 -20.62 -14.83 7.99
N GLN A 225 -20.40 -14.33 9.21
CA GLN A 225 -19.88 -12.99 9.40
C GLN A 225 -18.37 -12.94 9.09
N ILE A 226 -17.60 -13.79 9.77
CA ILE A 226 -16.16 -13.89 9.57
C ILE A 226 -15.87 -14.08 8.08
N GLN A 227 -16.71 -14.86 7.40
CA GLN A 227 -16.54 -15.06 5.97
C GLN A 227 -16.69 -13.75 5.21
N ARG A 228 -17.71 -12.97 5.57
CA ARG A 228 -17.90 -11.68 4.90
C ARG A 228 -16.70 -10.78 5.12
N LEU A 229 -16.18 -10.73 6.34
CA LEU A 229 -15.02 -9.88 6.61
C LEU A 229 -13.79 -10.33 5.81
N VAL A 230 -13.54 -11.64 5.75
CA VAL A 230 -12.34 -12.13 5.08
C VAL A 230 -12.42 -11.88 3.58
N LEU A 231 -13.55 -12.24 2.96
CA LEU A 231 -13.70 -11.96 1.54
C LEU A 231 -13.64 -10.47 1.24
N SER A 232 -14.21 -9.64 2.11
CA SER A 232 -14.13 -8.20 1.90
C SER A 232 -12.69 -7.71 1.90
N THR A 233 -11.90 -8.19 2.87
CA THR A 233 -10.50 -7.77 2.95
C THR A 233 -9.74 -8.14 1.68
N VAL A 234 -9.84 -9.42 1.28
CA VAL A 234 -9.09 -9.87 0.11
C VAL A 234 -9.54 -9.13 -1.15
N VAL A 235 -10.86 -8.96 -1.31
CA VAL A 235 -11.38 -8.33 -2.53
C VAL A 235 -10.96 -6.87 -2.61
N ILE A 236 -11.02 -6.14 -1.49
CA ILE A 236 -10.65 -4.74 -1.54
C ILE A 236 -9.16 -4.59 -1.81
N PHE A 237 -8.34 -5.48 -1.24
CA PHE A 237 -6.91 -5.46 -1.56
C PHE A 237 -6.68 -5.67 -3.04
N LEU A 238 -7.36 -6.65 -3.63
CA LEU A 238 -7.19 -6.92 -5.05
C LEU A 238 -7.62 -5.71 -5.89
N ALA A 239 -8.79 -5.14 -5.58
CA ALA A 239 -9.28 -4.02 -6.36
C ALA A 239 -8.38 -2.80 -6.20
N CYS A 240 -7.69 -2.68 -5.07
CA CYS A 240 -6.75 -1.58 -4.90
C CYS A 240 -5.47 -1.79 -5.72
N PHE A 241 -4.94 -3.00 -5.75
CA PHE A 241 -3.57 -3.18 -6.24
C PHE A 241 -3.44 -3.84 -7.60
N LEU A 242 -4.30 -4.81 -7.94
CA LEU A 242 -4.04 -5.65 -9.12
C LEU A 242 -3.95 -4.87 -10.43
N PRO A 243 -4.86 -3.96 -10.76
CA PRO A 243 -4.76 -3.28 -12.06
C PRO A 243 -3.47 -2.50 -12.24
N TYR A 244 -2.95 -1.91 -11.17
CA TYR A 244 -1.69 -1.19 -11.27
C TYR A 244 -0.57 -2.11 -11.72
N HIS A 245 -0.47 -3.28 -11.11
CA HIS A 245 0.60 -4.20 -11.45
C HIS A 245 0.40 -4.79 -12.84
N VAL A 246 -0.84 -5.06 -13.22
CA VAL A 246 -1.09 -5.58 -14.56
C VAL A 246 -0.67 -4.57 -15.61
N LEU A 247 -1.05 -3.30 -15.42
CA LEU A 247 -0.65 -2.27 -16.38
C LEU A 247 0.85 -2.02 -16.33
N LEU A 248 1.46 -2.20 -15.16
CA LEU A 248 2.91 -2.08 -15.04
C LEU A 248 3.62 -3.11 -15.93
N LEU A 249 3.20 -4.37 -15.83
CA LEU A 249 3.75 -5.37 -16.74
C LEU A 249 3.45 -5.02 -18.19
N VAL A 250 2.22 -4.58 -18.47
CA VAL A 250 1.84 -4.29 -19.85
C VAL A 250 2.78 -3.25 -20.45
N ARG A 251 3.13 -2.24 -19.65
CA ARG A 251 4.05 -1.22 -20.15
C ARG A 251 5.48 -1.75 -20.24
N SER A 252 5.90 -2.57 -19.27
CA SER A 252 7.30 -2.95 -19.21
C SER A 252 7.69 -4.00 -20.24
N VAL A 253 6.80 -4.93 -20.57
CA VAL A 253 7.22 -6.08 -21.38
C VAL A 253 7.27 -5.73 -22.86
N TRP A 254 6.13 -5.37 -23.45
CA TRP A 254 6.08 -5.12 -24.89
C TRP A 254 5.31 -3.84 -25.18
N GLU A 255 5.52 -2.82 -24.37
CA GLU A 255 4.89 -1.52 -24.63
C GLU A 255 5.90 -0.40 -24.40
N ALA A 256 6.90 -0.29 -25.26
CA ALA A 256 7.95 0.70 -25.05
C ALA A 256 8.00 1.80 -26.12
N SER A 257 7.80 1.45 -27.38
CA SER A 257 7.91 2.44 -28.45
C SER A 257 7.10 3.67 -28.10
N CYS A 258 7.64 4.85 -28.41
CA CYS A 258 6.95 6.09 -28.02
C CYS A 258 5.49 6.17 -28.46
N ASP A 259 5.11 5.52 -29.55
CA ASP A 259 3.71 5.70 -29.95
C ASP A 259 2.80 4.98 -29.00
N PHE A 260 3.27 3.79 -28.60
CA PHE A 260 2.62 2.94 -27.61
C PHE A 260 2.58 3.66 -26.32
N ALA A 261 3.66 4.36 -26.01
CA ALA A 261 3.73 5.06 -24.79
C ALA A 261 2.66 6.08 -24.72
N LYS A 262 2.50 6.83 -25.80
CA LYS A 262 1.45 7.83 -25.79
C LYS A 262 0.10 7.20 -25.59
N GLY A 263 -0.11 5.98 -26.10
CA GLY A 263 -1.37 5.29 -25.87
C GLY A 263 -1.88 4.96 -24.47
N VAL A 264 -1.06 4.33 -23.63
CA VAL A 264 -1.54 3.89 -22.31
C VAL A 264 -1.16 4.78 -21.12
N PHE A 265 -0.96 6.07 -21.35
CA PHE A 265 -0.65 6.99 -20.26
C PHE A 265 -1.83 7.06 -19.31
N ASN A 266 -3.04 7.06 -19.86
CA ASN A 266 -4.21 7.16 -19.07
C ASN A 266 -4.23 5.92 -18.13
N ALA A 267 -4.13 4.75 -18.77
CA ALA A 267 -4.29 3.51 -18.01
C ALA A 267 -3.34 3.44 -16.79
N TYR A 268 -2.06 3.71 -17.04
CA TYR A 268 -1.08 3.62 -15.97
C TYR A 268 -1.33 4.65 -14.87
N HIS A 269 -1.67 5.88 -15.24
CA HIS A 269 -1.91 6.86 -14.18
C HIS A 269 -3.25 6.68 -13.50
N PHE A 270 -4.27 6.14 -14.18
CA PHE A 270 -5.50 5.81 -13.48
C PHE A 270 -5.27 4.71 -12.46
N SER A 271 -4.48 3.69 -12.84
CA SER A 271 -4.17 2.63 -11.90
C SER A 271 -3.38 3.16 -10.70
N LEU A 272 -2.41 4.05 -10.96
CA LEU A 272 -1.64 4.62 -9.86
C LEU A 272 -2.52 5.48 -8.96
N LEU A 273 -3.46 6.21 -9.55
CA LEU A 273 -4.36 7.02 -8.74
C LEU A 273 -5.26 6.15 -7.88
N LEU A 274 -5.72 5.02 -8.44
CA LEU A 274 -6.58 4.13 -7.68
C LEU A 274 -5.83 3.45 -6.54
N THR A 275 -4.53 3.17 -6.72
CA THR A 275 -3.87 2.44 -5.63
C THR A 275 -3.68 3.26 -4.36
N SER A 276 -4.20 4.49 -4.25
CA SER A 276 -4.02 5.31 -3.07
C SER A 276 -5.11 5.15 -2.04
N PHE A 277 -6.08 4.27 -2.28
CA PHE A 277 -7.19 4.08 -1.34
C PHE A 277 -6.84 3.13 -0.21
N ASN A 278 -5.62 2.57 -0.21
CA ASN A 278 -5.23 1.68 0.88
C ASN A 278 -5.20 2.44 2.20
N CYS A 279 -4.78 3.70 2.18
CA CYS A 279 -4.72 4.50 3.40
C CYS A 279 -6.10 4.74 4.02
N VAL A 280 -7.16 4.64 3.23
CA VAL A 280 -8.51 4.74 3.78
C VAL A 280 -9.07 3.37 4.12
N ALA A 281 -8.72 2.35 3.34
CA ALA A 281 -9.27 1.03 3.56
C ALA A 281 -8.71 0.36 4.81
N ASP A 282 -7.40 0.51 5.05
CA ASP A 282 -6.76 -0.25 6.13
C ASP A 282 -7.31 0.07 7.51
N PRO A 283 -7.40 1.34 7.95
CA PRO A 283 -7.97 1.59 9.28
C PRO A 283 -9.40 1.12 9.44
N VAL A 284 -10.20 1.16 8.38
CA VAL A 284 -11.58 0.72 8.48
C VAL A 284 -11.65 -0.79 8.70
N LEU A 285 -10.90 -1.55 7.91
CA LEU A 285 -11.00 -3.01 7.97
C LEU A 285 -10.19 -3.62 9.09
N TYR A 286 -9.24 -2.90 9.67
CA TYR A 286 -8.39 -3.46 10.70
C TYR A 286 -8.51 -2.79 12.05
N CYS A 287 -9.24 -1.68 12.16
CA CYS A 287 -9.34 -0.98 13.44
C CYS A 287 -10.73 -0.52 13.81
N PHE A 288 -11.71 -0.61 12.92
CA PHE A 288 -13.06 -0.10 13.20
C PHE A 288 -14.12 -1.18 13.25
N VAL A 289 -14.08 -2.16 12.36
CA VAL A 289 -15.08 -3.24 12.35
C VAL A 289 -14.54 -4.30 13.31
N SER A 290 -14.79 -4.07 14.60
CA SER A 290 -14.35 -4.95 15.66
C SER A 290 -15.10 -4.56 16.93
N GLU A 291 -15.55 -5.57 17.68
CA GLU A 291 -16.28 -5.29 18.90
C GLU A 291 -15.40 -4.55 19.90
N THR A 292 -14.09 -4.81 19.89
CA THR A 292 -13.18 -4.10 20.77
C THR A 292 -13.15 -2.61 20.46
N THR A 293 -13.19 -2.25 19.18
CA THR A 293 -13.19 -0.84 18.81
C THR A 293 -14.51 -0.17 19.17
N HIS A 294 -15.62 -0.91 19.08
CA HIS A 294 -16.91 -0.38 19.48
C HIS A 294 -17.10 -0.34 20.99
N ARG A 295 -16.24 -1.03 21.74
CA ARG A 295 -16.32 -1.02 23.19
C ARG A 295 -15.51 0.10 23.84
N ASP A 296 -14.87 0.95 23.04
CA ASP A 296 -14.06 2.05 23.54
C ASP A 296 -14.37 3.32 22.77
N LEU A 297 -15.66 3.59 22.61
CA LEU A 297 -16.11 4.78 21.90
C LEU A 297 -17.55 5.14 22.30
#